data_3SRT
#
_entry.id   3SRT
#
_cell.length_a   152.884
_cell.length_b   152.884
_cell.length_c   152.884
_cell.angle_alpha   90.00
_cell.angle_beta   90.00
_cell.angle_gamma   90.00
#
_symmetry.space_group_name_H-M   'P 21 3'
#
loop_
_entity.id
_entity.type
_entity.pdbx_description
1 polymer 'Maltose O-acetyltransferase'
2 non-polymer GLYCEROL
3 water water
#
_entity_poly.entity_id   1
_entity_poly.type   'polypeptide(L)'
_entity_poly.pdbx_seq_one_letter_code
;SNA(MSE)TEKEK(MSE)LSGKGYYANDELLVKEREYCKKLTRLFNNTLEDEYEKREDILRQLFGSVGKQINVEQNIRCD
YGYNIHVGENFFANYDCIFLDVCKIEIGDNV(MSE)LAPNVQIYTAYHPIDAQLRNSGIEYGSPVKIGDNVWIGGGVIIT
PGITIGDNVVIGAGSVVTKDIPPNTVAVGNPCRVIKKIEE
;
_entity_poly.pdbx_strand_id   A,B
#
# COMPACT_ATOMS: atom_id res chain seq x y z
N ALA A 3 17.90 -12.07 -12.64
CA ALA A 3 17.44 -13.39 -13.07
C ALA A 3 16.27 -13.84 -12.21
N THR A 5 13.06 -15.86 -10.79
CA THR A 5 12.54 -17.22 -10.78
C THR A 5 11.18 -17.22 -11.49
N GLU A 6 10.63 -18.39 -11.74
CA GLU A 6 9.29 -18.47 -12.32
C GLU A 6 8.25 -17.80 -11.41
N LYS A 7 8.37 -18.04 -10.11
CA LYS A 7 7.46 -17.41 -9.14
C LYS A 7 7.53 -15.89 -9.21
N GLU A 8 8.74 -15.35 -9.29
CA GLU A 8 8.90 -13.91 -9.39
C GLU A 8 8.29 -13.34 -10.67
N LYS A 9 8.50 -14.02 -11.78
CA LYS A 9 7.83 -13.66 -13.02
C LYS A 9 6.31 -13.67 -12.83
N LEU A 11 4.41 -13.41 -10.07
CA LEU A 11 3.90 -12.36 -9.20
C LEU A 11 3.90 -10.98 -9.82
N SER A 12 4.87 -10.71 -10.69
CA SER A 12 4.99 -9.37 -11.29
C SER A 12 4.32 -9.25 -12.67
N GLY A 13 3.51 -10.24 -13.01
CA GLY A 13 2.68 -10.13 -14.20
C GLY A 13 3.38 -10.49 -15.49
N LYS A 14 4.54 -11.14 -15.39
CA LYS A 14 5.31 -11.52 -16.57
C LYS A 14 4.98 -12.96 -16.95
N GLY A 15 5.36 -13.38 -18.15
CA GLY A 15 5.14 -14.75 -18.56
C GLY A 15 5.99 -15.73 -17.77
N TYR A 16 5.40 -16.84 -17.35
CA TYR A 16 6.08 -17.82 -16.52
C TYR A 16 5.54 -19.20 -16.80
N TYR A 17 6.26 -20.22 -16.38
CA TYR A 17 5.84 -21.60 -16.54
C TYR A 17 5.30 -22.16 -15.23
N ALA A 18 4.00 -22.42 -15.20
CA ALA A 18 3.38 -22.95 -13.98
C ALA A 18 3.96 -24.31 -13.58
N ASN A 19 4.57 -25.05 -14.50
CA ASN A 19 5.11 -26.36 -14.12
C ASN A 19 6.46 -26.28 -13.36
N ASP A 20 6.91 -25.05 -13.08
CA ASP A 20 8.08 -24.83 -12.24
C ASP A 20 7.93 -25.63 -10.94
N GLU A 21 8.99 -26.34 -10.56
CA GLU A 21 8.96 -27.22 -9.41
C GLU A 21 8.48 -26.55 -8.12
N LEU A 22 8.95 -25.35 -7.85
CA LEU A 22 8.57 -24.67 -6.61
C LEU A 22 7.09 -24.26 -6.61
N LEU A 23 6.59 -23.79 -7.74
CA LEU A 23 5.18 -23.43 -7.88
C LEU A 23 4.26 -24.65 -7.72
N VAL A 24 4.67 -25.77 -8.32
CA VAL A 24 3.94 -27.03 -8.18
C VAL A 24 3.78 -27.40 -6.71
N LYS A 25 4.88 -27.37 -5.96
CA LYS A 25 4.83 -27.64 -4.52
C LYS A 25 3.94 -26.67 -3.74
N GLU A 26 4.03 -25.37 -4.04
CA GLU A 26 3.20 -24.39 -3.34
C GLU A 26 1.73 -24.68 -3.59
N ARG A 27 1.41 -25.05 -4.84
CA ARG A 27 0.04 -25.36 -5.18
C ARG A 27 -0.45 -26.60 -4.43
N GLU A 28 0.45 -27.56 -4.26
CA GLU A 28 0.09 -28.79 -3.57
C GLU A 28 -0.23 -28.49 -2.10
N TYR A 29 0.61 -27.67 -1.47
CA TYR A 29 0.39 -27.25 -0.09
C TYR A 29 -0.96 -26.54 0.01
N CYS A 30 -1.21 -25.64 -0.93
CA CYS A 30 -2.48 -24.93 -0.95
C CYS A 30 -3.65 -25.93 -0.96
N LYS A 31 -3.61 -26.92 -1.84
CA LYS A 31 -4.70 -27.90 -1.92
C LYS A 31 -4.82 -28.75 -0.65
N LYS A 32 -3.71 -29.00 0.04
CA LYS A 32 -3.79 -29.62 1.35
C LYS A 32 -4.62 -28.80 2.35
N LEU A 33 -4.30 -27.52 2.52
CA LEU A 33 -5.07 -26.69 3.46
C LEU A 33 -6.52 -26.57 3.02
N THR A 34 -6.69 -26.49 1.72
CA THR A 34 -7.99 -26.34 1.09
C THR A 34 -8.84 -27.60 1.30
N ARG A 35 -8.20 -28.76 1.22
CA ARG A 35 -8.90 -30.02 1.45
C ARG A 35 -9.38 -30.10 2.89
N LEU A 36 -8.47 -29.75 3.81
CA LEU A 36 -8.77 -29.78 5.23
C LEU A 36 -9.91 -28.83 5.54
N PHE A 37 -9.88 -27.65 4.94
CA PHE A 37 -10.94 -26.67 5.15
C PHE A 37 -12.27 -27.25 4.66
N ASN A 38 -12.27 -27.75 3.43
CA ASN A 38 -13.48 -28.29 2.83
C ASN A 38 -14.01 -29.58 3.49
N ASN A 39 -13.18 -30.24 4.29
CA ASN A 39 -13.62 -31.49 4.89
C ASN A 39 -14.05 -31.32 6.32
N THR A 40 -13.86 -30.13 6.90
CA THR A 40 -14.35 -29.88 8.25
C THR A 40 -15.84 -30.15 8.35
N LEU A 41 -16.30 -30.61 9.51
CA LEU A 41 -17.74 -30.75 9.74
C LEU A 41 -18.36 -29.39 10.06
N GLU A 42 -19.69 -29.32 9.95
CA GLU A 42 -20.41 -28.05 10.04
C GLU A 42 -20.15 -27.24 11.29
N ASP A 43 -19.90 -27.90 12.41
CA ASP A 43 -19.69 -27.19 13.68
C ASP A 43 -18.24 -26.76 13.93
N GLU A 44 -17.32 -27.17 13.07
CA GLU A 44 -15.91 -26.82 13.26
C GLU A 44 -15.53 -25.38 12.81
N TYR A 45 -16.25 -24.40 13.35
CA TYR A 45 -16.04 -22.99 13.03
C TYR A 45 -14.61 -22.49 13.29
N GLU A 46 -14.06 -22.81 14.45
CA GLU A 46 -12.74 -22.30 14.82
C GLU A 46 -11.63 -22.98 14.02
N LYS A 47 -11.79 -24.28 13.75
CA LYS A 47 -10.85 -24.98 12.89
C LYS A 47 -10.77 -24.35 11.49
N ARG A 48 -11.93 -23.99 10.94
CA ARG A 48 -11.95 -23.39 9.60
C ARG A 48 -11.26 -22.05 9.61
N GLU A 49 -11.52 -21.26 10.65
CA GLU A 49 -10.88 -19.96 10.77
C GLU A 49 -9.36 -20.10 10.84
N ASP A 50 -8.88 -21.07 11.62
CA ASP A 50 -7.46 -21.34 11.73
C ASP A 50 -6.82 -21.67 10.39
N ILE A 51 -7.47 -22.54 9.65
CA ILE A 51 -6.96 -22.94 8.35
C ILE A 51 -6.92 -21.75 7.40
N LEU A 52 -7.96 -20.91 7.42
CA LEU A 52 -7.93 -19.68 6.64
C LEU A 52 -6.70 -18.83 6.98
N ARG A 53 -6.38 -18.70 8.27
CA ARG A 53 -5.23 -17.89 8.69
C ARG A 53 -3.90 -18.50 8.27
N GLN A 54 -3.89 -19.81 8.00
CA GLN A 54 -2.69 -20.48 7.51
C GLN A 54 -2.65 -20.42 5.99
N LEU A 55 -3.82 -20.22 5.37
CA LEU A 55 -3.96 -20.28 3.91
C LEU A 55 -3.78 -18.92 3.24
N PHE A 56 -4.53 -17.93 3.70
CA PHE A 56 -4.55 -16.61 3.09
C PHE A 56 -3.29 -15.84 3.43
N GLY A 57 -2.90 -14.92 2.55
CA GLY A 57 -1.78 -14.05 2.83
C GLY A 57 -2.05 -13.18 4.05
N SER A 58 -3.26 -12.62 4.14
CA SER A 58 -3.64 -11.88 5.34
C SER A 58 -5.13 -11.93 5.56
N VAL A 59 -5.52 -11.89 6.83
CA VAL A 59 -6.90 -12.02 7.26
C VAL A 59 -7.17 -11.00 8.37
N GLY A 60 -8.41 -10.49 8.45
CA GLY A 60 -8.76 -9.55 9.51
C GLY A 60 -9.13 -10.25 10.81
N LYS A 61 -9.71 -9.50 11.74
CA LYS A 61 -10.11 -10.06 13.04
C LYS A 61 -11.23 -11.08 12.84
N GLN A 62 -12.20 -10.69 12.00
CA GLN A 62 -13.37 -11.51 11.72
C GLN A 62 -13.36 -12.00 10.27
N ILE A 63 -13.57 -13.30 10.09
CA ILE A 63 -13.71 -13.85 8.76
C ILE A 63 -14.77 -14.95 8.76
N ASN A 64 -15.51 -15.05 7.68
CA ASN A 64 -16.61 -15.98 7.59
C ASN A 64 -16.68 -16.50 6.17
N VAL A 65 -16.07 -17.66 5.94
CA VAL A 65 -16.01 -18.24 4.61
C VAL A 65 -16.67 -19.61 4.54
N GLU A 66 -17.64 -19.75 3.64
CA GLU A 66 -18.47 -20.92 3.55
C GLU A 66 -17.78 -22.01 2.71
N GLN A 67 -18.25 -23.26 2.82
CA GLN A 67 -17.46 -24.35 2.27
C GLN A 67 -17.56 -24.67 0.79
N ASN A 68 -16.56 -25.49 0.45
CA ASN A 68 -15.78 -25.42 -0.76
C ASN A 68 -15.28 -24.01 -1.11
N ILE A 69 -14.01 -23.77 -0.77
CA ILE A 69 -13.24 -22.75 -1.43
C ILE A 69 -12.26 -23.45 -2.35
N ARG A 70 -11.90 -22.73 -3.40
CA ARG A 70 -10.88 -23.14 -4.32
C ARG A 70 -9.86 -21.99 -4.34
N CYS A 71 -8.57 -22.32 -4.16
CA CYS A 71 -7.47 -21.37 -4.31
C CYS A 71 -6.37 -22.09 -5.07
N ASP A 72 -5.44 -21.34 -5.63
CA ASP A 72 -4.23 -21.91 -6.21
C ASP A 72 -3.00 -21.83 -5.30
N TYR A 73 -2.84 -20.70 -4.62
CA TYR A 73 -1.67 -20.46 -3.79
C TYR A 73 -2.02 -20.16 -2.33
N GLY A 74 -3.05 -19.35 -2.13
CA GLY A 74 -3.45 -18.95 -0.79
C GLY A 74 -2.79 -17.64 -0.38
N TYR A 75 -1.46 -17.63 -0.36
CA TYR A 75 -0.74 -16.47 0.13
C TYR A 75 -0.96 -15.21 -0.68
N ASN A 76 -1.46 -15.35 -1.90
CA ASN A 76 -1.78 -14.17 -2.72
C ASN A 76 -3.15 -13.56 -2.41
N ILE A 77 -3.93 -14.24 -1.58
CA ILE A 77 -5.23 -13.71 -1.19
C ILE A 77 -5.09 -12.88 0.09
N HIS A 78 -5.35 -11.58 -0.01
CA HIS A 78 -5.22 -10.67 1.11
C HIS A 78 -6.56 -10.01 1.39
N VAL A 79 -7.10 -10.29 2.56
CA VAL A 79 -8.48 -9.95 2.86
C VAL A 79 -8.53 -8.99 4.06
N GLY A 80 -9.42 -8.00 4.01
CA GLY A 80 -9.56 -7.02 5.08
C GLY A 80 -10.48 -7.46 6.22
N GLU A 81 -10.95 -6.51 7.03
CA GLU A 81 -11.83 -6.82 8.17
C GLU A 81 -13.20 -7.30 7.72
N ASN A 82 -13.80 -8.21 8.49
CA ASN A 82 -15.18 -8.67 8.24
C ASN A 82 -15.43 -9.22 6.85
N PHE A 83 -14.51 -10.04 6.37
CA PHE A 83 -14.66 -10.68 5.10
C PHE A 83 -15.72 -11.78 5.17
N PHE A 84 -16.60 -11.79 4.19
CA PHE A 84 -17.62 -12.82 4.08
C PHE A 84 -17.64 -13.37 2.66
N ALA A 85 -17.54 -14.69 2.52
CA ALA A 85 -17.78 -15.36 1.24
C ALA A 85 -18.74 -16.53 1.41
N ASN A 86 -19.75 -16.60 0.56
CA ASN A 86 -20.74 -17.66 0.68
C ASN A 86 -20.28 -18.94 -0.04
N TYR A 87 -21.19 -19.89 -0.22
CA TYR A 87 -20.88 -21.20 -0.80
C TYR A 87 -20.05 -21.15 -2.07
N ASP A 88 -19.00 -21.97 -2.10
CA ASP A 88 -18.32 -22.35 -3.34
C ASP A 88 -17.73 -21.20 -4.16
N CYS A 89 -17.04 -20.29 -3.50
CA CYS A 89 -16.28 -19.28 -4.23
C CYS A 89 -14.93 -19.83 -4.66
N ILE A 90 -14.37 -19.21 -5.68
CA ILE A 90 -13.06 -19.63 -6.14
C ILE A 90 -12.17 -18.40 -6.33
N PHE A 91 -10.97 -18.49 -5.78
CA PHE A 91 -9.96 -17.43 -5.85
C PHE A 91 -8.75 -17.98 -6.58
N LEU A 92 -8.73 -17.80 -7.89
CA LEU A 92 -7.60 -18.26 -8.69
C LEU A 92 -6.48 -17.23 -8.56
N ASP A 93 -5.64 -17.38 -7.53
CA ASP A 93 -4.76 -16.33 -7.06
C ASP A 93 -3.31 -16.47 -7.53
N VAL A 94 -3.14 -16.73 -8.83
CA VAL A 94 -1.84 -16.64 -9.48
C VAL A 94 -1.16 -15.29 -9.18
N CYS A 95 -1.93 -14.21 -9.20
CA CYS A 95 -1.45 -12.92 -8.69
C CYS A 95 -2.29 -12.48 -7.51
N LYS A 96 -1.88 -11.37 -6.91
CA LYS A 96 -2.57 -10.82 -5.74
C LYS A 96 -4.07 -10.66 -5.98
N ILE A 97 -4.86 -11.16 -5.02
CA ILE A 97 -6.26 -10.81 -4.93
C ILE A 97 -6.39 -10.03 -3.64
N GLU A 98 -6.50 -8.72 -3.78
CA GLU A 98 -6.55 -7.83 -2.63
C GLU A 98 -7.99 -7.33 -2.41
N ILE A 99 -8.49 -7.56 -1.20
CA ILE A 99 -9.88 -7.28 -0.88
C ILE A 99 -9.96 -6.42 0.37
N GLY A 100 -10.75 -5.35 0.32
CA GLY A 100 -10.85 -4.38 1.41
C GLY A 100 -11.63 -4.85 2.63
N ASP A 101 -12.09 -3.89 3.44
CA ASP A 101 -12.88 -4.17 4.63
C ASP A 101 -14.37 -4.27 4.28
N ASN A 102 -15.10 -5.12 4.99
CA ASN A 102 -16.55 -5.20 4.87
C ASN A 102 -16.98 -5.55 3.45
N VAL A 103 -16.24 -6.49 2.87
CA VAL A 103 -16.57 -7.04 1.59
C VAL A 103 -17.29 -8.39 1.75
N LEU A 105 -19.07 -11.67 -0.47
CA LEU A 105 -19.31 -12.39 -1.70
C LEU A 105 -20.49 -13.31 -1.48
N ALA A 106 -21.46 -13.23 -2.37
CA ALA A 106 -22.54 -14.21 -2.44
C ALA A 106 -21.93 -15.55 -2.92
N PRO A 107 -22.76 -16.61 -3.01
CA PRO A 107 -22.30 -17.91 -3.53
C PRO A 107 -21.71 -17.87 -4.93
N ASN A 108 -20.76 -18.75 -5.21
CA ASN A 108 -20.24 -18.96 -6.58
C ASN A 108 -19.59 -17.75 -7.24
N VAL A 109 -19.05 -16.84 -6.43
CA VAL A 109 -18.26 -15.76 -6.97
C VAL A 109 -16.90 -16.30 -7.37
N GLN A 110 -16.48 -15.98 -8.59
CA GLN A 110 -15.24 -16.48 -9.17
C GLN A 110 -14.30 -15.33 -9.49
N ILE A 111 -13.09 -15.41 -8.96
CA ILE A 111 -12.09 -14.37 -9.21
C ILE A 111 -10.91 -15.00 -9.89
N TYR A 112 -10.73 -14.68 -11.17
CA TYR A 112 -9.71 -15.29 -12.01
C TYR A 112 -8.57 -14.31 -12.30
N THR A 113 -7.37 -14.59 -11.80
CA THR A 113 -6.22 -13.74 -12.08
C THR A 113 -5.33 -14.32 -13.20
N ALA A 114 -5.52 -15.59 -13.52
CA ALA A 114 -4.67 -16.25 -14.51
C ALA A 114 -5.21 -16.10 -15.94
N TYR A 115 -4.32 -15.96 -16.92
CA TYR A 115 -4.72 -15.99 -18.32
C TYR A 115 -3.60 -16.46 -19.25
N HIS A 116 -3.90 -16.55 -20.54
CA HIS A 116 -2.94 -17.07 -21.50
C HIS A 116 -2.79 -16.16 -22.71
N PRO A 117 -1.72 -16.40 -23.49
CA PRO A 117 -1.56 -15.71 -24.77
C PRO A 117 -2.72 -16.06 -25.70
N ILE A 118 -3.18 -15.09 -26.48
CA ILE A 118 -4.16 -15.38 -27.53
C ILE A 118 -3.51 -16.20 -28.66
N ASP A 119 -2.21 -16.02 -28.87
CA ASP A 119 -1.51 -16.78 -29.90
C ASP A 119 -1.35 -18.26 -29.53
N ALA A 120 -1.86 -19.14 -30.37
CA ALA A 120 -1.88 -20.56 -30.07
C ALA A 120 -0.49 -21.15 -29.84
N GLN A 121 0.49 -20.75 -30.64
CA GLN A 121 1.81 -21.34 -30.54
C GLN A 121 2.47 -20.92 -29.23
N LEU A 122 2.39 -19.63 -28.91
CA LEU A 122 2.92 -19.11 -27.67
C LEU A 122 2.24 -19.76 -26.49
N ARG A 123 0.93 -19.92 -26.61
CA ARG A 123 0.16 -20.51 -25.54
C ARG A 123 0.57 -21.97 -25.34
N ASN A 124 0.69 -22.72 -26.44
CA ASN A 124 1.05 -24.13 -26.33
C ASN A 124 2.44 -24.37 -25.76
N SER A 125 3.33 -23.39 -25.90
CA SER A 125 4.66 -23.51 -25.31
C SER A 125 4.59 -23.53 -23.78
N GLY A 126 3.41 -23.24 -23.22
CA GLY A 126 3.21 -23.26 -21.78
C GLY A 126 3.43 -21.93 -21.06
N ILE A 127 3.78 -20.89 -21.80
CA ILE A 127 3.94 -19.58 -21.20
C ILE A 127 2.58 -19.03 -20.73
N GLU A 128 2.55 -18.48 -19.53
CA GLU A 128 1.28 -18.13 -18.88
C GLU A 128 1.43 -16.81 -18.14
N TYR A 129 0.31 -16.16 -17.81
CA TYR A 129 0.34 -14.87 -17.13
C TYR A 129 -0.65 -14.75 -15.97
N GLY A 130 -0.41 -13.73 -15.13
CA GLY A 130 -1.40 -13.26 -14.18
C GLY A 130 -1.49 -11.73 -14.16
N SER A 131 -2.64 -11.20 -13.76
CA SER A 131 -2.76 -9.79 -13.38
C SER A 131 -3.61 -9.69 -12.14
N PRO A 132 -3.14 -8.92 -11.14
CA PRO A 132 -3.84 -8.87 -9.84
C PRO A 132 -5.23 -8.26 -9.91
N VAL A 133 -6.04 -8.59 -8.91
CA VAL A 133 -7.40 -8.07 -8.80
C VAL A 133 -7.49 -7.31 -7.49
N LYS A 134 -8.15 -6.18 -7.52
CA LYS A 134 -8.31 -5.34 -6.33
C LYS A 134 -9.77 -4.98 -6.14
N ILE A 135 -10.30 -5.33 -4.96
CA ILE A 135 -11.66 -4.96 -4.58
C ILE A 135 -11.59 -4.07 -3.36
N GLY A 136 -12.23 -2.91 -3.43
CA GLY A 136 -12.17 -1.92 -2.36
C GLY A 136 -12.99 -2.26 -1.12
N ASP A 137 -13.16 -1.27 -0.24
CA ASP A 137 -13.94 -1.45 0.98
C ASP A 137 -15.42 -1.37 0.68
N ASN A 138 -16.21 -2.03 1.53
CA ASN A 138 -17.68 -1.92 1.49
C ASN A 138 -18.25 -2.30 0.15
N VAL A 139 -17.86 -3.47 -0.33
CA VAL A 139 -18.34 -3.98 -1.61
C VAL A 139 -19.17 -5.24 -1.40
N TRP A 140 -20.28 -5.32 -2.11
CA TRP A 140 -21.13 -6.50 -2.09
C TRP A 140 -21.23 -7.09 -3.49
N ILE A 141 -20.77 -8.32 -3.64
CA ILE A 141 -20.76 -8.98 -4.94
C ILE A 141 -21.77 -10.11 -4.95
N GLY A 142 -22.70 -10.05 -5.91
CA GLY A 142 -23.79 -10.99 -5.98
C GLY A 142 -23.44 -12.38 -6.48
N GLY A 143 -24.41 -13.29 -6.41
CA GLY A 143 -24.17 -14.67 -6.78
C GLY A 143 -23.72 -14.87 -8.21
N GLY A 144 -22.75 -15.78 -8.38
CA GLY A 144 -22.34 -16.20 -9.70
C GLY A 144 -21.58 -15.16 -10.49
N VAL A 145 -21.09 -14.12 -9.81
CA VAL A 145 -20.29 -13.09 -10.48
C VAL A 145 -18.90 -13.63 -10.84
N ILE A 146 -18.43 -13.26 -12.02
CA ILE A 146 -17.10 -13.62 -12.49
C ILE A 146 -16.26 -12.36 -12.62
N ILE A 147 -15.10 -12.36 -11.98
CA ILE A 147 -14.18 -11.24 -12.09
C ILE A 147 -12.91 -11.69 -12.81
N THR A 148 -12.54 -10.95 -13.86
CA THR A 148 -11.42 -11.33 -14.72
C THR A 148 -10.10 -10.69 -14.24
N PRO A 149 -8.96 -11.06 -14.85
CA PRO A 149 -7.66 -10.57 -14.34
C PRO A 149 -7.46 -9.07 -14.53
N GLY A 150 -6.74 -8.45 -13.59
CA GLY A 150 -6.40 -7.04 -13.67
C GLY A 150 -7.52 -6.07 -13.34
N ILE A 151 -8.68 -6.57 -12.93
CA ILE A 151 -9.81 -5.69 -12.61
C ILE A 151 -9.63 -5.01 -11.24
N THR A 152 -9.99 -3.73 -11.16
CA THR A 152 -10.20 -3.16 -9.84
C THR A 152 -11.63 -2.63 -9.68
N ILE A 153 -12.20 -2.89 -8.51
CA ILE A 153 -13.55 -2.48 -8.15
C ILE A 153 -13.41 -1.49 -7.01
N GLY A 154 -13.99 -0.30 -7.18
CA GLY A 154 -13.85 0.76 -6.21
C GLY A 154 -14.63 0.53 -4.92
N ASP A 155 -14.38 1.36 -3.93
CA ASP A 155 -15.13 1.35 -2.68
C ASP A 155 -16.63 1.51 -2.92
N ASN A 156 -17.42 0.97 -2.01
CA ASN A 156 -18.85 1.29 -2.01
C ASN A 156 -19.54 0.88 -3.32
N VAL A 157 -19.22 -0.33 -3.77
CA VAL A 157 -19.82 -0.84 -4.99
C VAL A 157 -20.71 -2.07 -4.71
N VAL A 158 -21.80 -2.19 -5.48
CA VAL A 158 -22.62 -3.38 -5.47
C VAL A 158 -22.60 -3.97 -6.89
N ILE A 159 -22.19 -5.22 -7.02
CA ILE A 159 -22.24 -5.92 -8.31
C ILE A 159 -23.43 -6.88 -8.35
N GLY A 160 -24.28 -6.73 -9.36
CA GLY A 160 -25.44 -7.58 -9.51
C GLY A 160 -25.08 -9.03 -9.81
N ALA A 161 -25.95 -9.95 -9.38
CA ALA A 161 -25.81 -11.38 -9.70
C ALA A 161 -25.48 -11.63 -11.16
N GLY A 162 -24.58 -12.57 -11.41
CA GLY A 162 -24.32 -13.04 -12.76
C GLY A 162 -23.51 -12.11 -13.64
N SER A 163 -23.01 -11.01 -13.07
CA SER A 163 -22.18 -10.07 -13.83
C SER A 163 -20.85 -10.72 -14.22
N VAL A 164 -20.37 -10.34 -15.40
CA VAL A 164 -19.01 -10.67 -15.80
C VAL A 164 -18.21 -9.38 -15.90
N VAL A 165 -17.30 -9.18 -14.96
CA VAL A 165 -16.59 -7.91 -14.81
C VAL A 165 -15.32 -7.89 -15.65
N THR A 166 -15.38 -7.16 -16.77
CA THR A 166 -14.30 -7.16 -17.76
C THR A 166 -13.59 -5.82 -17.78
N LYS A 167 -14.20 -4.84 -17.11
CA LYS A 167 -13.68 -3.49 -17.02
C LYS A 167 -13.73 -3.03 -15.57
N ASP A 168 -12.84 -2.12 -15.20
CA ASP A 168 -12.83 -1.56 -13.86
C ASP A 168 -14.17 -0.93 -13.48
N ILE A 169 -14.54 -1.02 -12.21
CA ILE A 169 -15.78 -0.39 -11.77
C ILE A 169 -15.45 0.75 -10.81
N PRO A 170 -15.90 1.96 -11.14
CA PRO A 170 -15.64 3.12 -10.28
C PRO A 170 -16.43 3.02 -8.98
N PRO A 171 -15.92 3.61 -7.89
CA PRO A 171 -16.56 3.60 -6.57
C PRO A 171 -17.95 4.23 -6.56
N ASN A 172 -18.73 3.88 -5.53
CA ASN A 172 -20.05 4.45 -5.31
C ASN A 172 -21.00 4.19 -6.47
N THR A 173 -21.02 2.95 -6.95
CA THR A 173 -21.95 2.60 -8.03
C THR A 173 -22.53 1.20 -7.86
N VAL A 174 -23.67 0.99 -8.50
CA VAL A 174 -24.23 -0.33 -8.70
C VAL A 174 -23.97 -0.69 -10.14
N ALA A 175 -23.39 -1.87 -10.37
CA ALA A 175 -23.12 -2.32 -11.74
C ALA A 175 -23.57 -3.77 -11.94
N VAL A 176 -24.17 -4.05 -13.09
CA VAL A 176 -24.62 -5.40 -13.42
C VAL A 176 -24.35 -5.69 -14.88
N GLY A 177 -24.41 -6.96 -15.25
CA GLY A 177 -24.46 -7.37 -16.64
C GLY A 177 -23.26 -8.16 -17.11
N ASN A 178 -23.39 -8.70 -18.32
CA ASN A 178 -22.31 -9.35 -19.05
C ASN A 178 -22.23 -8.68 -20.42
N PRO A 179 -21.25 -7.78 -20.62
CA PRO A 179 -20.24 -7.37 -19.63
C PRO A 179 -20.82 -6.43 -18.57
N CYS A 180 -20.15 -6.34 -17.43
CA CYS A 180 -20.66 -5.56 -16.29
C CYS A 180 -20.54 -4.04 -16.51
N ARG A 181 -21.68 -3.34 -16.48
CA ARG A 181 -21.73 -1.89 -16.68
C ARG A 181 -22.35 -1.21 -15.46
N VAL A 182 -21.86 -0.03 -15.09
CA VAL A 182 -22.54 0.80 -14.09
C VAL A 182 -23.97 1.15 -14.53
N ILE A 183 -24.93 1.06 -13.61
CA ILE A 183 -26.32 1.40 -13.96
C ILE A 183 -26.90 2.51 -13.07
N LYS A 184 -26.23 2.83 -11.97
CA LYS A 184 -26.75 3.76 -11.00
C LYS A 184 -25.60 4.25 -10.13
N LYS A 185 -25.67 5.50 -9.68
CA LYS A 185 -24.70 6.01 -8.71
C LYS A 185 -25.29 5.95 -7.31
N ILE A 186 -24.44 5.77 -6.31
CA ILE A 186 -24.88 5.78 -4.91
C ILE A 186 -24.23 6.93 -4.17
N GLU A 187 -24.92 7.48 -3.16
CA GLU A 187 -24.31 8.47 -2.28
C GLU A 187 -23.18 7.84 -1.48
N GLU A 188 -22.17 8.62 -1.15
CA GLU A 188 -21.08 8.13 -0.30
C GLU A 188 -21.52 8.11 1.15
N ASN B 2 2.88 37.11 -0.92
CA ASN B 2 2.42 37.93 0.21
C ASN B 2 2.39 37.17 1.55
N ALA B 3 3.55 36.64 1.93
CA ALA B 3 3.66 35.85 3.15
C ALA B 3 3.98 36.76 4.34
N THR B 5 2.67 36.35 7.91
CA THR B 5 2.92 35.66 9.16
C THR B 5 4.16 34.78 9.05
N GLU B 6 4.73 34.43 10.19
CA GLU B 6 5.90 33.56 10.20
C GLU B 6 5.57 32.20 9.58
N LYS B 7 4.38 31.68 9.84
CA LYS B 7 3.95 30.44 9.22
C LYS B 7 3.93 30.52 7.69
N GLU B 8 3.27 31.55 7.16
CA GLU B 8 3.24 31.73 5.71
C GLU B 8 4.66 31.79 5.14
N LYS B 9 5.55 32.49 5.85
CA LYS B 9 6.94 32.57 5.40
C LYS B 9 7.60 31.20 5.40
N LEU B 11 6.15 28.09 5.28
CA LEU B 11 5.61 27.26 4.19
C LEU B 11 6.12 27.64 2.79
N SER B 12 6.39 28.94 2.59
CA SER B 12 6.83 29.49 1.30
C SER B 12 8.32 29.32 1.02
N GLY B 13 9.08 28.81 1.98
CA GLY B 13 10.51 28.66 1.79
C GLY B 13 11.30 29.93 2.09
N LYS B 14 10.67 30.89 2.75
CA LYS B 14 11.35 32.13 3.11
C LYS B 14 11.84 32.07 4.55
N GLY B 15 12.71 33.01 4.90
CA GLY B 15 13.19 33.13 6.26
C GLY B 15 12.05 33.41 7.23
N TYR B 16 12.12 32.81 8.41
CA TYR B 16 11.07 32.98 9.39
C TYR B 16 11.64 32.72 10.78
N TYR B 17 10.94 33.17 11.82
CA TYR B 17 11.33 32.86 13.20
CA TYR B 17 11.32 32.86 13.20
C TYR B 17 10.45 31.74 13.76
N ALA B 18 11.09 30.66 14.18
CA ALA B 18 10.37 29.44 14.56
C ALA B 18 9.74 29.51 15.96
N ASN B 19 10.06 30.52 16.75
CA ASN B 19 9.44 30.63 18.05
C ASN B 19 8.21 31.52 18.07
N ASP B 20 7.75 31.89 16.87
CA ASP B 20 6.43 32.48 16.70
C ASP B 20 5.39 31.68 17.49
N GLU B 21 4.45 32.38 18.11
CA GLU B 21 3.43 31.75 18.96
C GLU B 21 2.65 30.63 18.27
N LEU B 22 2.08 30.94 17.11
CA LEU B 22 1.27 29.96 16.39
C LEU B 22 2.10 28.71 16.04
N LEU B 23 3.34 28.92 15.59
CA LEU B 23 4.20 27.79 15.22
C LEU B 23 4.53 26.93 16.43
N VAL B 24 4.85 27.60 17.55
CA VAL B 24 5.15 26.88 18.78
C VAL B 24 3.95 26.02 19.22
N LYS B 25 2.75 26.59 19.13
CA LYS B 25 1.54 25.85 19.48
C LYS B 25 1.28 24.67 18.54
N GLU B 26 1.54 24.85 17.24
CA GLU B 26 1.36 23.75 16.30
C GLU B 26 2.37 22.62 16.53
N ARG B 27 3.60 22.98 16.90
CA ARG B 27 4.60 21.95 17.16
C ARG B 27 4.24 21.18 18.43
N GLU B 28 3.70 21.90 19.40
CA GLU B 28 3.24 21.28 20.64
C GLU B 28 2.09 20.28 20.41
N TYR B 29 1.13 20.64 19.58
CA TYR B 29 0.05 19.74 19.20
C TYR B 29 0.57 18.51 18.46
N CYS B 30 1.45 18.73 17.49
CA CYS B 30 2.12 17.64 16.82
C CYS B 30 2.82 16.69 17.80
N LYS B 31 3.54 17.25 18.78
CA LYS B 31 4.24 16.42 19.76
C LYS B 31 3.27 15.61 20.64
N LYS B 32 2.13 16.20 20.99
CA LYS B 32 1.06 15.46 21.66
C LYS B 32 0.66 14.20 20.86
N LEU B 33 0.30 14.38 19.59
CA LEU B 33 -0.14 13.26 18.76
C LEU B 33 0.98 12.25 18.59
N THR B 34 2.19 12.76 18.42
CA THR B 34 3.36 11.92 18.24
C THR B 34 3.62 11.09 19.51
N ARG B 35 3.34 11.69 20.66
CA ARG B 35 3.52 10.99 21.92
C ARG B 35 2.51 9.85 22.02
N LEU B 36 1.25 10.17 21.77
CA LEU B 36 0.19 9.18 21.83
C LEU B 36 0.55 8.02 20.90
N PHE B 37 0.93 8.34 19.66
CA PHE B 37 1.31 7.30 18.70
C PHE B 37 2.45 6.43 19.22
N ASN B 38 3.50 7.06 19.73
CA ASN B 38 4.67 6.34 20.21
C ASN B 38 4.43 5.52 21.47
N ASN B 39 3.35 5.82 22.17
CA ASN B 39 3.04 5.14 23.43
C ASN B 39 1.97 4.05 23.33
N THR B 40 1.45 3.81 22.13
CA THR B 40 0.49 2.73 21.96
C THR B 40 1.16 1.38 22.20
N LEU B 41 0.37 0.43 22.67
CA LEU B 41 0.85 -0.94 22.81
C LEU B 41 0.84 -1.61 21.45
N GLU B 42 1.61 -2.69 21.33
CA GLU B 42 1.90 -3.31 20.04
C GLU B 42 0.67 -3.73 19.25
N ASP B 43 -0.44 -3.93 19.93
CA ASP B 43 -1.65 -4.43 19.28
C ASP B 43 -2.69 -3.35 18.98
N GLU B 44 -2.32 -2.09 19.16
CA GLU B 44 -3.24 -0.99 18.91
C GLU B 44 -3.10 -0.45 17.49
N TYR B 45 -3.24 -1.35 16.51
CA TYR B 45 -3.15 -0.97 15.10
C TYR B 45 -4.15 0.12 14.73
N GLU B 46 -5.38 0.01 15.23
CA GLU B 46 -6.40 0.97 14.86
C GLU B 46 -6.13 2.37 15.43
N LYS B 47 -5.77 2.42 16.71
CA LYS B 47 -5.48 3.67 17.37
C LYS B 47 -4.34 4.39 16.62
N ARG B 48 -3.31 3.64 16.25
CA ARG B 48 -2.19 4.22 15.50
C ARG B 48 -2.64 4.80 14.17
N GLU B 49 -3.48 4.07 13.46
CA GLU B 49 -3.99 4.56 12.19
C GLU B 49 -4.81 5.85 12.38
N ASP B 50 -5.70 5.89 13.36
CA ASP B 50 -6.50 7.09 13.64
C ASP B 50 -5.58 8.29 13.84
N ILE B 51 -4.56 8.12 14.68
CA ILE B 51 -3.62 9.18 15.00
C ILE B 51 -2.90 9.70 13.76
N LEU B 52 -2.43 8.80 12.91
CA LEU B 52 -1.78 9.21 11.67
C LEU B 52 -2.71 10.07 10.81
N ARG B 53 -3.99 9.72 10.79
CA ARG B 53 -4.94 10.49 9.98
C ARG B 53 -5.19 11.87 10.57
N GLN B 54 -5.06 12.00 11.89
CA GLN B 54 -5.11 13.31 12.55
C GLN B 54 -3.83 14.12 12.35
N LEU B 55 -2.69 13.42 12.34
CA LEU B 55 -1.35 14.00 12.31
C LEU B 55 -0.95 14.47 10.91
N PHE B 56 -0.99 13.55 9.94
CA PHE B 56 -0.50 13.81 8.58
C PHE B 56 -1.49 14.68 7.79
N GLY B 57 -0.96 15.45 6.84
CA GLY B 57 -1.78 16.16 5.88
C GLY B 57 -2.60 15.25 4.97
N SER B 58 -2.02 14.13 4.51
CA SER B 58 -2.74 13.18 3.66
C SER B 58 -2.28 11.76 3.95
N VAL B 59 -3.25 10.86 4.07
CA VAL B 59 -2.98 9.46 4.27
C VAL B 59 -3.85 8.67 3.28
N GLY B 60 -3.28 7.62 2.67
CA GLY B 60 -4.04 6.78 1.76
C GLY B 60 -4.93 5.78 2.49
N LYS B 61 -5.41 4.78 1.75
CA LYS B 61 -6.34 3.80 2.34
C LYS B 61 -5.59 2.91 3.33
N GLN B 62 -4.40 2.46 2.93
CA GLN B 62 -3.55 1.65 3.81
C GLN B 62 -2.29 2.40 4.24
N ILE B 63 -1.98 2.35 5.53
CA ILE B 63 -0.75 2.97 6.00
C ILE B 63 -0.18 2.17 7.16
N ASN B 64 1.12 1.96 7.10
CA ASN B 64 1.81 1.17 8.11
C ASN B 64 3.10 1.86 8.57
N VAL B 65 3.06 2.41 9.78
CA VAL B 65 4.19 3.14 10.30
C VAL B 65 4.63 2.60 11.65
N GLU B 66 5.91 2.28 11.73
CA GLU B 66 6.48 1.60 12.89
C GLU B 66 6.83 2.63 13.96
N GLN B 67 6.97 2.19 15.20
CA GLN B 67 7.11 3.14 16.29
C GLN B 67 8.46 3.75 16.52
N ASN B 68 8.35 4.74 17.39
CA ASN B 68 8.96 6.04 17.26
C ASN B 68 8.93 6.66 15.88
N ILE B 69 7.97 7.57 15.76
CA ILE B 69 7.95 8.53 14.69
C ILE B 69 8.30 9.89 15.29
N ARG B 70 8.96 10.72 14.48
CA ARG B 70 9.31 12.07 14.87
C ARG B 70 8.83 12.99 13.75
N CYS B 71 8.04 14.01 14.10
CA CYS B 71 7.61 15.05 13.14
C CYS B 71 7.70 16.38 13.81
N ASP B 72 7.64 17.44 13.01
CA ASP B 72 7.59 18.79 13.53
C ASP B 72 6.17 19.37 13.51
N TYR B 73 5.44 19.17 12.41
CA TYR B 73 4.08 19.70 12.29
C TYR B 73 3.04 18.62 11.99
N GLY B 74 3.45 17.62 11.22
CA GLY B 74 2.56 16.55 10.82
C GLY B 74 1.81 16.91 9.54
N TYR B 75 1.15 18.06 9.55
CA TYR B 75 0.24 18.40 8.47
C TYR B 75 0.97 18.64 7.14
N ASN B 76 2.29 18.82 7.18
CA ASN B 76 3.07 18.99 5.97
C ASN B 76 3.49 17.66 5.33
N ILE B 77 3.22 16.56 6.04
CA ILE B 77 3.53 15.25 5.50
C ILE B 77 2.34 14.72 4.71
N HIS B 78 2.55 14.46 3.42
CA HIS B 78 1.50 13.97 2.53
C HIS B 78 1.95 12.67 1.86
N VAL B 79 1.22 11.63 2.16
CA VAL B 79 1.64 10.27 1.86
C VAL B 79 0.60 9.55 0.99
N GLY B 80 1.05 8.90 -0.09
CA GLY B 80 0.14 8.20 -0.98
C GLY B 80 -0.34 6.83 -0.47
N GLU B 81 -0.91 6.04 -1.36
CA GLU B 81 -1.46 4.72 -1.00
C GLU B 81 -0.35 3.73 -0.60
N ASN B 82 -0.67 2.83 0.35
CA ASN B 82 0.25 1.77 0.76
C ASN B 82 1.57 2.32 1.22
N PHE B 83 1.52 3.30 2.10
CA PHE B 83 2.74 3.88 2.60
C PHE B 83 3.27 3.02 3.74
N PHE B 84 4.57 2.78 3.72
CA PHE B 84 5.20 1.99 4.77
C PHE B 84 6.47 2.67 5.30
N ALA B 85 6.58 2.75 6.61
CA ALA B 85 7.79 3.27 7.22
C ALA B 85 8.19 2.41 8.41
N ASN B 86 9.41 1.88 8.37
CA ASN B 86 9.92 1.06 9.46
C ASN B 86 10.34 1.88 10.69
N TYR B 87 11.00 1.22 11.65
CA TYR B 87 11.36 1.81 12.95
C TYR B 87 12.03 3.19 12.89
N ASP B 88 11.56 4.09 13.73
CA ASP B 88 12.30 5.32 14.07
C ASP B 88 12.67 6.22 12.89
N CYS B 89 11.72 6.43 12.00
CA CYS B 89 11.91 7.41 10.96
C CYS B 89 11.62 8.80 11.51
N ILE B 90 12.27 9.79 10.93
CA ILE B 90 12.02 11.16 11.32
C ILE B 90 11.66 12.02 10.09
N PHE B 91 10.57 12.77 10.23
CA PHE B 91 10.07 13.65 9.17
C PHE B 91 10.07 15.09 9.65
N LEU B 92 11.17 15.80 9.41
CA LEU B 92 11.25 17.19 9.83
C LEU B 92 10.53 18.07 8.81
N ASP B 93 9.22 18.28 9.03
CA ASP B 93 8.35 18.81 7.98
C ASP B 93 7.99 20.30 8.15
N VAL B 94 9.02 21.10 8.36
CA VAL B 94 8.90 22.55 8.30
C VAL B 94 8.26 22.96 6.95
N CYS B 95 8.65 22.27 5.88
CA CYS B 95 8.01 22.43 4.59
C CYS B 95 7.38 21.11 4.17
N LYS B 96 6.62 21.16 3.08
CA LYS B 96 5.93 19.98 2.58
C LYS B 96 6.88 18.80 2.35
N ILE B 97 6.45 17.62 2.80
CA ILE B 97 7.08 16.37 2.44
C ILE B 97 6.05 15.54 1.67
N GLU B 98 6.21 15.49 0.36
CA GLU B 98 5.24 14.84 -0.52
C GLU B 98 5.76 13.47 -0.93
N ILE B 99 4.99 12.44 -0.63
CA ILE B 99 5.38 11.06 -0.91
C ILE B 99 4.28 10.36 -1.70
N GLY B 100 4.66 9.69 -2.78
CA GLY B 100 3.71 9.03 -3.66
C GLY B 100 3.15 7.71 -3.13
N ASP B 101 2.61 6.89 -4.05
CA ASP B 101 2.04 5.58 -3.72
C ASP B 101 3.10 4.49 -3.70
N ASN B 102 2.87 3.47 -2.89
CA ASN B 102 3.73 2.30 -2.85
C ASN B 102 5.16 2.70 -2.54
N VAL B 103 5.31 3.55 -1.54
CA VAL B 103 6.63 3.96 -1.13
C VAL B 103 6.91 3.29 0.20
N LEU B 105 9.82 2.96 3.38
CA LEU B 105 11.03 3.42 4.04
C LEU B 105 11.50 2.37 5.02
N ALA B 106 12.76 1.98 4.92
CA ALA B 106 13.40 1.12 5.91
C ALA B 106 13.57 1.90 7.22
N PRO B 107 14.10 1.25 8.28
CA PRO B 107 14.32 1.97 9.55
C PRO B 107 15.25 3.17 9.42
N ASN B 108 15.07 4.14 10.31
CA ASN B 108 15.95 5.30 10.47
C ASN B 108 16.15 6.15 9.24
N VAL B 109 15.15 6.15 8.36
CA VAL B 109 15.13 7.10 7.27
C VAL B 109 14.83 8.48 7.86
N GLN B 110 15.64 9.45 7.46
CA GLN B 110 15.52 10.82 7.95
C GLN B 110 15.28 11.76 6.80
N ILE B 111 14.17 12.49 6.87
CA ILE B 111 13.83 13.50 5.86
C ILE B 111 13.86 14.88 6.49
N TYR B 112 14.83 15.70 6.09
CA TYR B 112 15.02 17.01 6.71
C TYR B 112 14.69 18.12 5.73
N THR B 113 13.63 18.88 6.00
CA THR B 113 13.33 20.04 5.16
C THR B 113 13.88 21.36 5.73
N ALA B 114 14.26 21.36 7.00
CA ALA B 114 14.77 22.56 7.69
C ALA B 114 16.25 22.80 7.45
N TYR B 115 16.64 24.08 7.37
CA TYR B 115 18.04 24.45 7.29
C TYR B 115 18.27 25.89 7.74
N HIS B 116 19.55 26.26 7.87
CA HIS B 116 19.93 27.58 8.38
C HIS B 116 20.85 28.30 7.41
N PRO B 117 21.09 29.59 7.64
CA PRO B 117 22.09 30.32 6.86
C PRO B 117 23.50 29.80 7.16
N ILE B 118 24.36 29.80 6.16
CA ILE B 118 25.79 29.57 6.35
C ILE B 118 26.40 30.73 7.15
N ASP B 119 26.03 31.96 6.80
CA ASP B 119 26.60 33.12 7.49
C ASP B 119 26.25 33.13 8.97
N ALA B 120 27.27 33.19 9.82
CA ALA B 120 27.08 33.10 11.27
C ALA B 120 26.19 34.21 11.83
N GLN B 121 26.38 35.43 11.35
CA GLN B 121 25.65 36.56 11.86
C GLN B 121 24.17 36.43 11.55
N LEU B 122 23.86 36.04 10.31
CA LEU B 122 22.49 35.80 9.88
C LEU B 122 21.89 34.64 10.66
N ARG B 123 22.68 33.58 10.82
CA ARG B 123 22.20 32.43 11.54
C ARG B 123 21.87 32.83 12.98
N ASN B 124 22.74 33.62 13.59
CA ASN B 124 22.54 33.97 15.00
C ASN B 124 21.36 34.90 15.22
N SER B 125 20.89 35.51 14.13
CA SER B 125 19.70 36.34 14.20
C SER B 125 18.51 35.47 14.58
N GLY B 126 18.64 34.16 14.36
CA GLY B 126 17.55 33.24 14.65
C GLY B 126 16.67 32.94 13.45
N ILE B 127 16.84 33.68 12.36
CA ILE B 127 16.08 33.39 11.14
C ILE B 127 16.44 32.02 10.56
N GLU B 128 15.45 31.27 10.11
CA GLU B 128 15.72 29.98 9.50
C GLU B 128 14.81 29.69 8.31
N TYR B 129 15.01 28.54 7.68
CA TYR B 129 14.34 28.25 6.41
C TYR B 129 13.88 26.81 6.31
N GLY B 130 13.11 26.55 5.26
CA GLY B 130 12.74 25.21 4.88
C GLY B 130 12.66 25.12 3.36
N SER B 131 12.74 23.90 2.85
CA SER B 131 12.61 23.65 1.43
C SER B 131 12.00 22.28 1.27
N PRO B 132 10.90 22.18 0.51
CA PRO B 132 10.09 20.95 0.43
C PRO B 132 10.83 19.75 -0.16
N VAL B 133 10.35 18.55 0.16
CA VAL B 133 10.90 17.32 -0.37
C VAL B 133 9.79 16.56 -1.10
N LYS B 134 10.13 15.99 -2.25
CA LYS B 134 9.16 15.21 -3.01
C LYS B 134 9.72 13.85 -3.42
N ILE B 135 8.94 12.81 -3.15
CA ILE B 135 9.31 11.45 -3.48
C ILE B 135 8.21 10.83 -4.34
N GLY B 136 8.58 10.32 -5.52
CA GLY B 136 7.63 9.75 -6.46
C GLY B 136 6.96 8.45 -6.02
N ASP B 137 6.27 7.80 -6.96
CA ASP B 137 5.59 6.53 -6.70
C ASP B 137 6.57 5.38 -6.85
N ASN B 138 6.29 4.27 -6.18
CA ASN B 138 7.09 3.06 -6.34
C ASN B 138 8.55 3.28 -6.00
N VAL B 139 8.79 3.79 -4.80
CA VAL B 139 10.14 4.10 -4.37
C VAL B 139 10.44 3.35 -3.07
N TRP B 140 11.63 2.76 -3.01
CA TRP B 140 12.08 2.04 -1.82
C TRP B 140 13.34 2.71 -1.26
N ILE B 141 13.28 3.15 -0.02
CA ILE B 141 14.41 3.84 0.60
C ILE B 141 14.98 2.97 1.69
N GLY B 142 16.28 2.66 1.55
CA GLY B 142 16.98 1.76 2.44
C GLY B 142 17.26 2.35 3.80
N GLY B 143 17.79 1.53 4.70
CA GLY B 143 18.00 1.91 6.07
C GLY B 143 19.01 3.02 6.28
N GLY B 144 18.69 3.93 7.19
CA GLY B 144 19.64 4.98 7.58
C GLY B 144 19.85 6.05 6.53
N VAL B 145 18.99 6.08 5.52
CA VAL B 145 19.10 7.10 4.49
C VAL B 145 18.75 8.49 5.02
N ILE B 146 19.55 9.48 4.62
CA ILE B 146 19.27 10.87 4.95
C ILE B 146 18.92 11.64 3.68
N ILE B 147 17.80 12.36 3.73
CA ILE B 147 17.33 13.17 2.60
C ILE B 147 17.32 14.65 3.01
N THR B 148 18.05 15.47 2.25
CA THR B 148 18.27 16.88 2.62
C THR B 148 17.17 17.77 2.00
N PRO B 149 17.08 19.04 2.46
CA PRO B 149 15.95 19.88 2.02
C PRO B 149 15.94 20.18 0.52
N GLY B 150 14.75 20.27 -0.06
CA GLY B 150 14.63 20.67 -1.46
C GLY B 150 14.82 19.53 -2.46
N ILE B 151 15.05 18.33 -1.95
CA ILE B 151 15.35 17.19 -2.79
C ILE B 151 14.10 16.64 -3.49
N THR B 152 14.29 16.21 -4.73
CA THR B 152 13.26 15.46 -5.44
C THR B 152 13.80 14.11 -5.89
N ILE B 153 13.05 13.05 -5.59
CA ILE B 153 13.38 11.70 -6.03
C ILE B 153 12.27 11.19 -6.94
N GLY B 154 12.64 10.77 -8.16
CA GLY B 154 11.67 10.33 -9.15
C GLY B 154 10.96 9.02 -8.83
N ASP B 155 9.95 8.71 -9.66
CA ASP B 155 9.23 7.42 -9.59
C ASP B 155 10.19 6.24 -9.79
N ASN B 156 9.82 5.09 -9.24
CA ASN B 156 10.51 3.86 -9.59
C ASN B 156 12.00 3.98 -9.25
N VAL B 157 12.27 4.32 -8.00
CA VAL B 157 13.64 4.51 -7.54
C VAL B 157 13.95 3.67 -6.31
N VAL B 158 15.16 3.14 -6.27
CA VAL B 158 15.69 2.48 -5.08
C VAL B 158 16.90 3.25 -4.54
N ILE B 159 16.85 3.64 -3.27
CA ILE B 159 17.96 4.31 -2.61
C ILE B 159 18.63 3.34 -1.63
N GLY B 160 19.90 3.02 -1.87
CA GLY B 160 20.62 2.09 -1.01
C GLY B 160 20.79 2.55 0.43
N ALA B 161 20.96 1.60 1.35
CA ALA B 161 21.15 1.92 2.76
C ALA B 161 22.29 2.92 3.00
N GLY B 162 22.07 3.85 3.91
CA GLY B 162 23.11 4.77 4.34
C GLY B 162 23.39 5.95 3.42
N SER B 163 22.57 6.10 2.37
CA SER B 163 22.82 7.17 1.42
C SER B 163 22.50 8.52 2.04
N VAL B 164 23.22 9.53 1.58
CA VAL B 164 22.91 10.92 1.92
C VAL B 164 22.55 11.63 0.62
N VAL B 165 21.26 11.95 0.48
CA VAL B 165 20.76 12.50 -0.79
C VAL B 165 20.86 14.02 -0.83
N THR B 166 21.84 14.51 -1.61
CA THR B 166 22.15 15.93 -1.70
C THR B 166 21.74 16.54 -3.04
N LYS B 167 21.39 15.68 -4.00
CA LYS B 167 21.00 16.10 -5.34
C LYS B 167 19.82 15.25 -5.75
N ASP B 168 18.95 15.82 -6.60
CA ASP B 168 17.78 15.10 -7.09
C ASP B 168 18.17 13.76 -7.75
N ILE B 169 17.33 12.75 -7.58
CA ILE B 169 17.54 11.45 -8.19
C ILE B 169 16.49 11.23 -9.29
N PRO B 170 16.94 11.00 -10.54
CA PRO B 170 16.06 10.77 -11.69
C PRO B 170 15.31 9.48 -11.50
N PRO B 171 14.12 9.37 -12.11
CA PRO B 171 13.31 8.15 -12.01
C PRO B 171 13.97 6.95 -12.66
N ASN B 172 13.51 5.76 -12.32
CA ASN B 172 14.02 4.52 -12.90
C ASN B 172 15.52 4.34 -12.68
N THR B 173 15.98 4.56 -11.47
CA THR B 173 17.38 4.35 -11.16
C THR B 173 17.58 3.72 -9.79
N VAL B 174 18.76 3.15 -9.61
CA VAL B 174 19.25 2.76 -8.29
C VAL B 174 20.38 3.73 -7.93
N ALA B 175 20.30 4.32 -6.74
CA ALA B 175 21.31 5.28 -6.29
C ALA B 175 21.78 4.97 -4.87
N VAL B 176 23.08 5.06 -4.65
CA VAL B 176 23.65 4.81 -3.32
C VAL B 176 24.77 5.78 -3.05
N GLY B 177 25.10 5.98 -1.79
CA GLY B 177 26.33 6.66 -1.45
C GLY B 177 26.18 7.90 -0.60
N ASN B 178 27.33 8.39 -0.14
CA ASN B 178 27.42 9.71 0.47
C ASN B 178 28.52 10.47 -0.25
N PRO B 179 28.14 11.37 -1.16
CA PRO B 179 26.77 11.75 -1.54
C PRO B 179 26.14 10.71 -2.44
N CYS B 180 24.82 10.68 -2.47
CA CYS B 180 24.11 9.65 -3.21
C CYS B 180 24.18 9.88 -4.73
N ARG B 181 24.53 8.84 -5.47
CA ARG B 181 24.69 8.95 -6.92
C ARG B 181 24.02 7.76 -7.58
N VAL B 182 23.52 7.96 -8.80
CA VAL B 182 22.98 6.88 -9.61
C VAL B 182 24.08 5.88 -9.96
N ILE B 183 23.79 4.59 -9.85
CA ILE B 183 24.74 3.55 -10.23
C ILE B 183 24.17 2.54 -11.22
N LYS B 184 22.89 2.66 -11.54
CA LYS B 184 22.23 1.70 -12.43
C LYS B 184 20.90 2.25 -12.90
N LYS B 185 20.54 1.95 -14.15
CA LYS B 185 19.20 2.29 -14.64
C LYS B 185 18.31 1.08 -14.52
N ILE B 186 17.06 1.30 -14.12
CA ILE B 186 16.06 0.24 -14.04
C ILE B 186 15.16 0.30 -15.28
N GLU B 187 14.78 -0.85 -15.82
CA GLU B 187 13.76 -0.90 -16.85
C GLU B 187 12.47 -0.26 -16.30
N GLU B 188 11.79 0.54 -17.12
CA GLU B 188 10.61 1.26 -16.66
C GLU B 188 9.44 0.32 -16.34
#